data_9M4Q
#
_entry.id   9M4Q
#
_cell.length_a   1.00
_cell.length_b   1.00
_cell.length_c   1.00
_cell.angle_alpha   90.00
_cell.angle_beta   90.00
_cell.angle_gamma   90.00
#
_symmetry.space_group_name_H-M   'P 1'
#
loop_
_entity.id
_entity.type
_entity.pdbx_description
1 polymer 'Alpha-1A adrenergic receptor'
2 non-polymer 'Doxazosin, (S)-'
#
_entity_poly.entity_id   1
_entity_poly.type   'polypeptide(L)'
_entity_poly.pdbx_seq_one_letter_code
;APVNISKAILLGVILGGLILFGVLGNILVILSVACHRHLHSVTHYYIVNLAVADLLLTSTVLPFSAIFEVLGYWAFGRVF
CNIWAAVDVLCCTASIMGLCIISIDRYIGVSYPLRYPTIVTQRRGLMALLCVWALSLVISIGPLFGWRQPAPEDETICQI
NEEPGYVLFSALGSFYLPLAIILVMYCRVYVVAKRESRGLKSGLKTDKSDSEQVTLRIHRKNAPAGGSGMASAKTKTHFS
VRLLKFSREKKAAKTLGIVVGCFVLCWLPFFLVMPIGSFFPDFKPSETVFKIVFWLGYLNSCINPIIYPCSSQEFKKAFQ
NVL
;
_entity_poly.pdbx_strand_id   A
#
loop_
_chem_comp.id
_chem_comp.type
_chem_comp.name
_chem_comp.formula
A1EM4 non-polymer 'Doxazosin, (S)-' 'C23 H25 N5 O5'
#
# COMPACT_ATOMS: atom_id res chain seq x y z
N ALA A 1 -23.43 -20.72 -6.47
CA ALA A 1 -24.68 -21.00 -5.71
C ALA A 1 -25.53 -19.75 -5.58
N PRO A 2 -26.85 -19.91 -5.46
CA PRO A 2 -27.71 -18.73 -5.33
C PRO A 2 -27.38 -17.93 -4.09
N VAL A 3 -27.48 -16.61 -4.21
CA VAL A 3 -27.20 -15.67 -3.14
C VAL A 3 -28.26 -14.57 -3.16
N ASN A 4 -28.16 -13.64 -2.21
CA ASN A 4 -29.09 -12.53 -2.14
C ASN A 4 -28.94 -11.64 -3.37
N ILE A 5 -30.03 -10.94 -3.71
CA ILE A 5 -30.04 -10.06 -4.86
C ILE A 5 -29.87 -8.62 -4.40
N SER A 6 -30.81 -8.11 -3.60
CA SER A 6 -30.77 -6.72 -3.19
C SER A 6 -29.52 -6.43 -2.38
N LYS A 7 -29.25 -7.24 -1.35
CA LYS A 7 -28.05 -7.02 -0.53
C LYS A 7 -26.78 -7.18 -1.37
N ALA A 8 -26.73 -8.23 -2.19
CA ALA A 8 -25.55 -8.45 -3.03
C ALA A 8 -25.38 -7.30 -4.03
N ILE A 9 -26.47 -6.84 -4.63
CA ILE A 9 -26.38 -5.74 -5.59
C ILE A 9 -25.86 -4.49 -4.90
N LEU A 10 -26.39 -4.17 -3.72
CA LEU A 10 -25.94 -2.98 -3.00
C LEU A 10 -24.46 -3.09 -2.64
N LEU A 11 -24.05 -4.27 -2.13
CA LEU A 11 -22.65 -4.45 -1.77
C LEU A 11 -21.74 -4.32 -2.98
N GLY A 12 -22.12 -4.92 -4.10
CA GLY A 12 -21.33 -4.79 -5.31
C GLY A 12 -21.24 -3.35 -5.79
N VAL A 13 -22.35 -2.61 -5.69
CA VAL A 13 -22.35 -1.22 -6.13
C VAL A 13 -21.42 -0.39 -5.27
N ILE A 14 -21.50 -0.56 -3.94
CA ILE A 14 -20.66 0.24 -3.06
C ILE A 14 -19.19 -0.12 -3.26
N LEU A 15 -18.88 -1.41 -3.40
CA LEU A 15 -17.49 -1.80 -3.62
C LEU A 15 -16.99 -1.24 -4.96
N GLY A 16 -17.79 -1.35 -6.01
CA GLY A 16 -17.38 -0.80 -7.29
C GLY A 16 -17.14 0.69 -7.22
N GLY A 17 -17.98 1.40 -6.46
CA GLY A 17 -17.73 2.81 -6.24
C GLY A 17 -16.41 3.05 -5.53
N LEU A 18 -16.08 2.20 -4.56
CA LEU A 18 -14.80 2.34 -3.86
C LEU A 18 -13.63 2.16 -4.81
N ILE A 19 -13.66 1.11 -5.64
CA ILE A 19 -12.58 0.92 -6.61
C ILE A 19 -12.54 2.06 -7.61
N LEU A 20 -13.69 2.55 -8.07
CA LEU A 20 -13.69 3.66 -9.01
C LEU A 20 -13.05 4.90 -8.39
N PHE A 21 -13.40 5.20 -7.15
CA PHE A 21 -12.80 6.36 -6.47
C PHE A 21 -11.30 6.17 -6.31
N GLY A 22 -10.87 4.97 -5.91
CA GLY A 22 -9.44 4.74 -5.73
C GLY A 22 -8.68 4.87 -7.04
N VAL A 23 -9.20 4.29 -8.12
CA VAL A 23 -8.55 4.40 -9.42
C VAL A 23 -8.49 5.84 -9.87
N LEU A 24 -9.59 6.58 -9.71
CA LEU A 24 -9.59 7.99 -10.08
C LEU A 24 -8.55 8.77 -9.30
N GLY A 25 -8.46 8.52 -7.99
CA GLY A 25 -7.49 9.24 -7.18
C GLY A 25 -6.06 8.93 -7.58
N ASN A 26 -5.75 7.64 -7.80
CA ASN A 26 -4.39 7.28 -8.17
C ASN A 26 -4.02 7.83 -9.55
N ILE A 27 -4.95 7.77 -10.50
CA ILE A 27 -4.68 8.33 -11.83
C ILE A 27 -4.48 9.83 -11.73
N LEU A 28 -5.27 10.50 -10.88
CA LEU A 28 -5.11 11.93 -10.69
C LEU A 28 -3.74 12.25 -10.11
N VAL A 29 -3.30 11.47 -9.12
CA VAL A 29 -1.98 11.70 -8.54
C VAL A 29 -0.90 11.54 -9.61
N ILE A 30 -0.99 10.46 -10.40
CA ILE A 30 0.03 10.21 -11.41
C ILE A 30 0.06 11.34 -12.43
N LEU A 31 -1.11 11.75 -12.92
CA LEU A 31 -1.16 12.82 -13.92
C LEU A 31 -0.68 14.14 -13.34
N SER A 32 -1.04 14.44 -12.09
CA SER A 32 -0.59 15.68 -11.48
C SER A 32 0.92 15.71 -11.34
N VAL A 33 1.52 14.59 -10.96
CA VAL A 33 2.97 14.56 -10.82
C VAL A 33 3.65 14.63 -12.18
N ALA A 34 3.11 13.94 -13.18
CA ALA A 34 3.79 13.82 -14.46
C ALA A 34 3.63 15.08 -15.31
N CYS A 35 2.38 15.48 -15.57
CA CYS A 35 2.13 16.59 -16.48
C CYS A 35 2.78 17.87 -15.98
N HIS A 36 2.65 18.17 -14.69
CA HIS A 36 3.24 19.38 -14.14
C HIS A 36 4.77 19.28 -14.14
N ARG A 37 5.42 20.39 -14.47
CA ARG A 37 6.88 20.42 -14.53
C ARG A 37 7.50 20.96 -13.26
N HIS A 38 6.71 21.60 -12.39
CA HIS A 38 7.25 22.06 -11.10
C HIS A 38 7.09 21.02 -10.00
N LEU A 39 6.52 19.85 -10.31
CA LEU A 39 6.37 18.76 -9.35
C LEU A 39 7.27 17.57 -9.70
N HIS A 40 8.46 17.84 -10.24
CA HIS A 40 9.41 16.80 -10.60
C HIS A 40 10.46 16.71 -9.51
N SER A 41 10.64 15.52 -8.95
CA SER A 41 11.63 15.31 -7.90
C SER A 41 11.62 13.83 -7.54
N VAL A 42 12.65 13.41 -6.80
CA VAL A 42 12.70 12.03 -6.33
C VAL A 42 11.53 11.73 -5.42
N THR A 43 11.15 12.70 -4.57
CA THR A 43 10.00 12.48 -3.70
C THR A 43 8.72 12.30 -4.50
N HIS A 44 8.52 13.11 -5.54
CA HIS A 44 7.33 12.95 -6.36
C HIS A 44 7.41 11.67 -7.19
N TYR A 45 8.62 11.24 -7.57
CA TYR A 45 8.75 9.95 -8.24
C TYR A 45 8.35 8.82 -7.32
N TYR A 46 8.73 8.89 -6.04
CA TYR A 46 8.28 7.89 -5.07
C TYR A 46 6.77 7.98 -4.87
N ILE A 47 6.21 9.19 -4.92
CA ILE A 47 4.77 9.36 -4.78
C ILE A 47 4.05 8.66 -5.93
N VAL A 48 4.54 8.84 -7.16
CA VAL A 48 3.91 8.16 -8.28
C VAL A 48 4.16 6.66 -8.23
N ASN A 49 5.30 6.24 -7.67
CA ASN A 49 5.50 4.80 -7.46
C ASN A 49 4.44 4.23 -6.53
N LEU A 50 4.17 4.94 -5.43
CA LEU A 50 3.11 4.51 -4.52
C LEU A 50 1.75 4.56 -5.21
N ALA A 51 1.53 5.57 -6.05
CA ALA A 51 0.28 5.67 -6.80
C ALA A 51 0.11 4.49 -7.74
N VAL A 52 1.17 4.08 -8.42
CA VAL A 52 1.10 2.92 -9.30
C VAL A 52 0.83 1.66 -8.47
N ALA A 53 1.51 1.52 -7.34
CA ALA A 53 1.32 0.33 -6.51
C ALA A 53 -0.14 0.22 -6.04
N ASP A 54 -0.67 1.29 -5.46
CA ASP A 54 -2.05 1.21 -4.96
C ASP A 54 -3.07 1.26 -6.09
N LEU A 55 -2.69 1.77 -7.26
CA LEU A 55 -3.57 1.67 -8.43
C LEU A 55 -3.70 0.22 -8.88
N LEU A 56 -2.59 -0.51 -8.89
CA LEU A 56 -2.65 -1.94 -9.16
C LEU A 56 -3.46 -2.65 -8.08
N LEU A 57 -3.29 -2.24 -6.82
CA LEU A 57 -4.05 -2.81 -5.72
C LEU A 57 -5.55 -2.56 -5.90
N THR A 58 -5.91 -1.41 -6.48
CA THR A 58 -7.32 -1.06 -6.61
C THR A 58 -7.93 -1.60 -7.90
N SER A 59 -7.11 -1.89 -8.90
CA SER A 59 -7.61 -2.19 -10.23
C SER A 59 -7.74 -3.68 -10.52
N THR A 60 -6.91 -4.53 -9.92
CA THR A 60 -6.93 -5.96 -10.20
C THR A 60 -7.34 -6.79 -8.99
N VAL A 61 -6.65 -6.66 -7.87
CA VAL A 61 -6.96 -7.47 -6.70
C VAL A 61 -8.27 -7.01 -6.07
N LEU A 62 -8.50 -5.71 -5.98
CA LEU A 62 -9.74 -5.22 -5.35
C LEU A 62 -10.98 -5.65 -6.09
N PRO A 63 -11.09 -5.49 -7.42
CA PRO A 63 -12.28 -5.99 -8.11
C PRO A 63 -12.48 -7.49 -7.96
N PHE A 64 -11.39 -8.27 -7.95
CA PHE A 64 -11.52 -9.70 -7.76
C PHE A 64 -12.07 -10.02 -6.38
N SER A 65 -11.59 -9.31 -5.36
CA SER A 65 -12.13 -9.52 -4.01
C SER A 65 -13.60 -9.14 -3.96
N ALA A 66 -13.97 -8.03 -4.62
CA ALA A 66 -15.37 -7.61 -4.63
C ALA A 66 -16.25 -8.65 -5.31
N ILE A 67 -15.78 -9.20 -6.44
CA ILE A 67 -16.56 -10.23 -7.14
C ILE A 67 -16.67 -11.48 -6.29
N PHE A 68 -15.60 -11.86 -5.61
CA PHE A 68 -15.66 -13.00 -4.71
C PHE A 68 -16.69 -12.77 -3.62
N GLU A 69 -16.72 -11.56 -3.06
CA GLU A 69 -17.69 -11.23 -2.03
C GLU A 69 -19.11 -11.31 -2.57
N VAL A 70 -19.34 -10.76 -3.76
CA VAL A 70 -20.68 -10.75 -4.33
C VAL A 70 -21.15 -12.17 -4.61
N LEU A 71 -20.27 -13.00 -5.17
CA LEU A 71 -20.61 -14.38 -5.45
C LEU A 71 -20.59 -15.25 -4.19
N GLY A 72 -19.75 -14.90 -3.21
CA GLY A 72 -19.59 -15.71 -2.02
C GLY A 72 -18.63 -16.86 -2.17
N TYR A 73 -18.07 -17.07 -3.35
CA TYR A 73 -17.14 -18.16 -3.58
C TYR A 73 -16.27 -17.80 -4.79
N TRP A 74 -15.14 -18.50 -4.91
CA TRP A 74 -14.23 -18.26 -6.01
C TRP A 74 -14.82 -18.81 -7.30
N ALA A 75 -14.74 -18.01 -8.37
CA ALA A 75 -15.27 -18.41 -9.67
C ALA A 75 -14.19 -18.56 -10.75
N PHE A 76 -13.07 -17.86 -10.61
CA PHE A 76 -12.02 -17.90 -11.62
C PHE A 76 -11.16 -19.15 -11.43
N GLY A 77 -10.14 -19.29 -12.27
CA GLY A 77 -9.30 -20.46 -12.22
C GLY A 77 -8.41 -20.49 -11.00
N ARG A 78 -7.92 -21.69 -10.68
CA ARG A 78 -6.99 -21.84 -9.56
C ARG A 78 -5.71 -21.06 -9.82
N VAL A 79 -5.21 -21.10 -11.06
CA VAL A 79 -4.08 -20.26 -11.42
C VAL A 79 -4.42 -18.80 -11.20
N PHE A 80 -5.65 -18.41 -11.54
CA PHE A 80 -6.07 -17.03 -11.30
C PHE A 80 -6.13 -16.73 -9.80
N CYS A 81 -6.54 -17.69 -8.98
CA CYS A 81 -6.53 -17.49 -7.54
C CYS A 81 -5.11 -17.26 -7.02
N ASN A 82 -4.16 -18.08 -7.48
CA ASN A 82 -2.78 -17.92 -7.03
C ASN A 82 -2.21 -16.59 -7.49
N ILE A 83 -2.48 -16.19 -8.74
CA ILE A 83 -2.00 -14.90 -9.23
C ILE A 83 -2.65 -13.77 -8.46
N TRP A 84 -3.93 -13.93 -8.08
CA TRP A 84 -4.62 -12.91 -7.30
C TRP A 84 -3.96 -12.72 -5.95
N ALA A 85 -3.69 -13.82 -5.25
CA ALA A 85 -3.01 -13.72 -3.96
C ALA A 85 -1.61 -13.12 -4.12
N ALA A 86 -0.89 -13.55 -5.16
CA ALA A 86 0.46 -13.04 -5.37
C ALA A 86 0.46 -11.56 -5.65
N VAL A 87 -0.47 -11.08 -6.47
CA VAL A 87 -0.54 -9.65 -6.77
C VAL A 87 -0.96 -8.86 -5.54
N ASP A 88 -1.89 -9.40 -4.75
CA ASP A 88 -2.25 -8.74 -3.50
C ASP A 88 -1.02 -8.54 -2.62
N VAL A 89 -0.28 -9.61 -2.37
CA VAL A 89 0.90 -9.52 -1.52
C VAL A 89 1.93 -8.58 -2.14
N LEU A 90 2.13 -8.69 -3.45
CA LEU A 90 3.14 -7.86 -4.11
C LEU A 90 2.82 -6.38 -3.96
N CYS A 91 1.57 -6.00 -4.19
CA CYS A 91 1.22 -4.58 -4.11
C CYS A 91 1.28 -4.09 -2.67
N CYS A 92 0.70 -4.85 -1.73
CA CYS A 92 0.70 -4.43 -0.33
C CYS A 92 2.08 -4.49 0.31
N THR A 93 3.04 -5.18 -0.32
CA THR A 93 4.40 -5.23 0.19
C THR A 93 5.34 -4.30 -0.56
N ALA A 94 5.01 -3.90 -1.78
CA ALA A 94 5.75 -2.87 -2.48
C ALA A 94 5.37 -1.48 -2.00
N SER A 95 4.11 -1.29 -1.60
CA SER A 95 3.71 -0.01 -1.04
C SER A 95 4.46 0.28 0.26
N ILE A 96 4.69 -0.75 1.08
CA ILE A 96 5.35 -0.52 2.37
C ILE A 96 6.81 -0.14 2.17
N MET A 97 7.50 -0.76 1.21
CA MET A 97 8.89 -0.34 0.96
C MET A 97 8.95 0.98 0.21
N GLY A 98 7.93 1.29 -0.60
CA GLY A 98 7.83 2.64 -1.14
C GLY A 98 7.75 3.67 -0.03
N LEU A 99 6.95 3.38 0.99
CA LEU A 99 6.91 4.25 2.16
C LEU A 99 8.24 4.25 2.90
N CYS A 100 8.94 3.12 2.93
CA CYS A 100 10.25 3.09 3.58
C CYS A 100 11.22 4.04 2.91
N ILE A 101 11.32 3.98 1.58
CA ILE A 101 12.24 4.88 0.88
C ILE A 101 11.74 6.31 0.92
N ILE A 102 10.43 6.52 0.90
CA ILE A 102 9.93 7.88 1.11
C ILE A 102 10.35 8.40 2.46
N SER A 103 10.32 7.56 3.49
CA SER A 103 10.74 7.99 4.82
C SER A 103 12.24 8.27 4.88
N ILE A 104 13.04 7.43 4.24
CA ILE A 104 14.48 7.69 4.16
C ILE A 104 14.76 9.00 3.43
N ASP A 105 14.10 9.23 2.29
CA ASP A 105 14.26 10.47 1.55
C ASP A 105 13.82 11.67 2.35
N ARG A 106 12.73 11.55 3.11
CA ARG A 106 12.26 12.67 3.93
C ARG A 106 13.22 12.93 5.09
N TYR A 107 13.79 11.89 5.67
CA TYR A 107 14.81 12.09 6.69
C TYR A 107 16.01 12.83 6.12
N ILE A 108 16.46 12.43 4.92
CA ILE A 108 17.59 13.10 4.29
C ILE A 108 17.25 14.56 4.01
N GLY A 109 16.05 14.81 3.47
CA GLY A 109 15.68 16.16 3.11
C GLY A 109 15.51 17.06 4.32
N VAL A 110 14.93 16.55 5.40
CA VAL A 110 14.74 17.35 6.60
C VAL A 110 16.07 17.62 7.28
N SER A 111 16.92 16.60 7.38
CA SER A 111 18.21 16.79 8.04
C SER A 111 19.11 17.72 7.25
N TYR A 112 19.16 17.56 5.92
CA TYR A 112 20.08 18.28 5.05
C TYR A 112 19.28 18.97 3.96
N PRO A 113 18.62 20.09 4.27
CA PRO A 113 17.79 20.75 3.24
C PRO A 113 18.62 21.28 2.07
N LEU A 114 19.63 22.10 2.35
CA LEU A 114 20.43 22.68 1.28
C LEU A 114 21.19 21.61 0.51
N ARG A 115 21.78 20.65 1.22
CA ARG A 115 22.55 19.59 0.59
C ARG A 115 21.68 18.44 0.08
N TYR A 116 20.36 18.56 0.18
CA TYR A 116 19.48 17.48 -0.26
C TYR A 116 19.68 17.12 -1.72
N PRO A 117 19.73 18.06 -2.66
CA PRO A 117 19.91 17.67 -4.07
C PRO A 117 21.23 16.96 -4.33
N THR A 118 22.25 17.15 -3.49
CA THR A 118 23.55 16.54 -3.70
C THR A 118 23.64 15.13 -3.14
N ILE A 119 22.66 14.68 -2.38
CA ILE A 119 22.64 13.34 -1.80
C ILE A 119 21.62 12.45 -2.52
N VAL A 120 20.35 12.81 -2.46
CA VAL A 120 19.30 12.04 -3.15
C VAL A 120 19.16 12.68 -4.53
N THR A 121 20.04 12.26 -5.43
CA THR A 121 20.02 12.73 -6.80
C THR A 121 19.05 11.89 -7.62
N GLN A 122 18.80 12.33 -8.85
CA GLN A 122 17.86 11.62 -9.72
C GLN A 122 18.30 10.18 -9.92
N ARG A 123 19.57 9.98 -10.29
CA ARG A 123 20.06 8.63 -10.55
C ARG A 123 19.96 7.76 -9.31
N ARG A 124 20.38 8.29 -8.16
CA ARG A 124 20.31 7.52 -6.92
C ARG A 124 18.86 7.24 -6.54
N GLY A 125 17.97 8.22 -6.75
CA GLY A 125 16.57 8.00 -6.46
C GLY A 125 15.97 6.87 -7.29
N LEU A 126 16.22 6.88 -8.59
CA LEU A 126 15.70 5.81 -9.44
C LEU A 126 16.33 4.47 -9.09
N MET A 127 17.62 4.47 -8.75
CA MET A 127 18.27 3.23 -8.33
C MET A 127 17.59 2.66 -7.08
N ALA A 128 17.31 3.52 -6.10
CA ALA A 128 16.63 3.07 -4.90
C ALA A 128 15.23 2.57 -5.22
N LEU A 129 14.52 3.26 -6.12
CA LEU A 129 13.19 2.82 -6.50
C LEU A 129 13.21 1.44 -7.14
N LEU A 130 14.15 1.20 -8.05
CA LEU A 130 14.25 -0.10 -8.69
C LEU A 130 14.64 -1.18 -7.68
N CYS A 131 15.56 -0.87 -6.77
CA CYS A 131 15.93 -1.83 -5.74
C CYS A 131 14.72 -2.18 -4.88
N VAL A 132 13.91 -1.18 -4.53
CA VAL A 132 12.71 -1.43 -3.73
C VAL A 132 11.73 -2.31 -4.50
N TRP A 133 11.51 -2.01 -5.78
CA TRP A 133 10.59 -2.84 -6.54
C TRP A 133 11.07 -4.29 -6.63
N ALA A 134 12.36 -4.51 -6.89
CA ALA A 134 12.92 -5.87 -6.93
C ALA A 134 12.82 -6.57 -5.58
N LEU A 135 13.17 -5.89 -4.49
CA LEU A 135 13.09 -6.52 -3.17
C LEU A 135 11.65 -6.81 -2.79
N SER A 136 10.71 -5.92 -3.13
CA SER A 136 9.31 -6.19 -2.87
C SER A 136 8.83 -7.41 -3.65
N LEU A 137 9.22 -7.51 -4.93
CA LEU A 137 8.88 -8.70 -5.69
C LEU A 137 9.42 -9.95 -5.01
N VAL A 138 10.69 -9.93 -4.62
CA VAL A 138 11.30 -11.11 -4.01
C VAL A 138 10.56 -11.49 -2.73
N ILE A 139 10.33 -10.51 -1.85
CA ILE A 139 9.70 -10.80 -0.57
C ILE A 139 8.26 -11.28 -0.78
N SER A 140 7.58 -10.73 -1.78
CA SER A 140 6.18 -11.10 -2.01
C SER A 140 6.04 -12.51 -2.54
N ILE A 141 6.83 -12.87 -3.56
CA ILE A 141 6.66 -14.16 -4.22
C ILE A 141 7.73 -15.17 -3.82
N GLY A 142 8.45 -14.93 -2.72
CA GLY A 142 9.32 -15.95 -2.18
C GLY A 142 8.57 -16.96 -1.34
N PRO A 143 7.98 -16.51 -0.23
CA PRO A 143 7.24 -17.44 0.63
C PRO A 143 6.06 -18.09 -0.06
N LEU A 144 5.45 -17.42 -1.03
CA LEU A 144 4.28 -17.98 -1.70
C LEU A 144 4.68 -18.98 -2.78
N PHE A 145 5.37 -18.51 -3.81
CA PHE A 145 5.75 -19.40 -4.91
C PHE A 145 6.77 -20.43 -4.45
N GLY A 146 7.73 -20.04 -3.62
CA GLY A 146 8.74 -20.95 -3.14
C GLY A 146 8.21 -22.02 -2.23
N TRP A 147 7.70 -21.62 -1.06
CA TRP A 147 7.18 -22.55 -0.06
C TRP A 147 5.66 -22.55 -0.19
N ARG A 148 5.16 -23.44 -1.03
CA ARG A 148 3.74 -23.49 -1.40
C ARG A 148 3.13 -24.80 -0.91
N GLN A 149 2.04 -24.69 -0.16
CA GLN A 149 1.40 -25.85 0.45
C GLN A 149 0.70 -26.70 -0.61
N PRO A 150 0.40 -27.95 -0.30
CA PRO A 150 -0.31 -28.80 -1.28
C PRO A 150 -1.59 -28.14 -1.74
N ALA A 151 -1.82 -28.19 -3.05
CA ALA A 151 -2.96 -27.50 -3.64
C ALA A 151 -4.26 -28.19 -3.23
N PRO A 152 -5.31 -27.44 -2.92
CA PRO A 152 -6.60 -28.06 -2.63
C PRO A 152 -7.21 -28.68 -3.87
N GLU A 153 -8.07 -29.68 -3.64
CA GLU A 153 -8.72 -30.39 -4.74
C GLU A 153 -9.97 -29.68 -5.24
N ASP A 154 -10.34 -28.56 -4.63
CA ASP A 154 -11.54 -27.82 -5.00
C ASP A 154 -11.16 -26.59 -5.80
N GLU A 155 -11.76 -26.43 -6.97
CA GLU A 155 -11.49 -25.28 -7.83
C GLU A 155 -12.19 -24.02 -7.34
N THR A 156 -13.22 -24.16 -6.52
CA THR A 156 -14.01 -23.02 -6.04
C THR A 156 -13.48 -22.44 -4.73
N ILE A 157 -12.37 -22.95 -4.22
CA ILE A 157 -11.82 -22.51 -2.94
C ILE A 157 -10.57 -21.69 -3.22
N CYS A 158 -10.53 -20.46 -2.69
CA CYS A 158 -9.39 -19.57 -2.79
C CYS A 158 -9.16 -18.98 -1.40
N GLN A 159 -8.33 -19.66 -0.61
CA GLN A 159 -8.09 -19.32 0.78
C GLN A 159 -6.68 -18.75 0.95
N ILE A 160 -6.34 -18.42 2.19
CA ILE A 160 -5.05 -17.84 2.54
C ILE A 160 -4.26 -18.86 3.36
N ASN A 161 -2.97 -18.96 3.08
CA ASN A 161 -2.11 -19.91 3.79
C ASN A 161 -2.16 -19.68 5.29
N GLU A 162 -2.70 -20.63 6.03
CA GLU A 162 -2.84 -20.50 7.48
C GLU A 162 -1.69 -21.14 8.25
N GLU A 163 -0.69 -21.70 7.57
CA GLU A 163 0.42 -22.31 8.26
C GLU A 163 1.27 -21.23 8.93
N PRO A 164 1.65 -21.40 10.20
CA PRO A 164 2.46 -20.35 10.85
C PRO A 164 3.77 -20.07 10.14
N GLY A 165 4.39 -21.10 9.54
CA GLY A 165 5.66 -20.90 8.88
C GLY A 165 5.62 -19.87 7.78
N TYR A 166 4.47 -19.70 7.14
CA TYR A 166 4.32 -18.70 6.09
C TYR A 166 3.87 -17.35 6.64
N VAL A 167 2.91 -17.35 7.57
CA VAL A 167 2.38 -16.08 8.07
C VAL A 167 3.46 -15.32 8.81
N LEU A 168 4.26 -16.02 9.60
CA LEU A 168 5.34 -15.35 10.34
C LEU A 168 6.30 -14.66 9.38
N PHE A 169 6.78 -15.40 8.38
CA PHE A 169 7.73 -14.83 7.42
C PHE A 169 7.11 -13.67 6.66
N SER A 170 5.86 -13.83 6.21
CA SER A 170 5.23 -12.77 5.42
C SER A 170 5.03 -11.51 6.25
N ALA A 171 4.52 -11.66 7.48
CA ALA A 171 4.33 -10.49 8.34
C ALA A 171 5.66 -9.82 8.66
N LEU A 172 6.69 -10.60 8.95
CA LEU A 172 7.99 -10.02 9.28
C LEU A 172 8.57 -9.26 8.09
N GLY A 173 8.64 -9.91 6.93
CA GLY A 173 9.31 -9.32 5.79
C GLY A 173 8.49 -8.31 5.01
N SER A 174 7.17 -8.25 5.24
CA SER A 174 6.29 -7.38 4.48
C SER A 174 5.80 -6.18 5.27
N PHE A 175 5.53 -6.35 6.56
CA PHE A 175 5.01 -5.26 7.39
C PHE A 175 5.95 -4.89 8.52
N TYR A 176 6.30 -5.84 9.38
CA TYR A 176 6.95 -5.49 10.65
C TYR A 176 8.34 -4.92 10.43
N LEU A 177 9.13 -5.49 9.51
CA LEU A 177 10.47 -4.95 9.28
C LEU A 177 10.42 -3.63 8.54
N PRO A 178 9.75 -3.51 7.40
CA PRO A 178 9.58 -2.18 6.80
C PRO A 178 8.90 -1.19 7.72
N LEU A 179 7.95 -1.66 8.53
CA LEU A 179 7.31 -0.77 9.50
C LEU A 179 8.32 -0.24 10.51
N ALA A 180 9.19 -1.12 11.03
CA ALA A 180 10.19 -0.67 11.98
C ALA A 180 11.14 0.34 11.34
N ILE A 181 11.53 0.08 10.10
CA ILE A 181 12.38 1.05 9.39
C ILE A 181 11.67 2.40 9.28
N ILE A 182 10.38 2.37 8.93
CA ILE A 182 9.63 3.61 8.77
C ILE A 182 9.53 4.36 10.09
N LEU A 183 9.24 3.65 11.19
CA LEU A 183 9.16 4.32 12.49
C LEU A 183 10.51 4.91 12.89
N VAL A 184 11.61 4.20 12.65
CA VAL A 184 12.91 4.76 12.99
C VAL A 184 13.15 6.04 12.19
N MET A 185 12.90 5.97 10.88
CA MET A 185 13.18 7.12 10.03
C MET A 185 12.30 8.32 10.40
N TYR A 186 11.02 8.08 10.71
CA TYR A 186 10.15 9.19 11.08
C TYR A 186 10.33 9.68 12.51
N CYS A 187 10.79 8.84 13.44
CA CYS A 187 11.17 9.39 14.74
C CYS A 187 12.38 10.31 14.56
N ARG A 188 13.33 9.91 13.71
CA ARG A 188 14.44 10.81 13.39
C ARG A 188 13.94 12.08 12.73
N VAL A 189 13.00 11.96 11.79
CA VAL A 189 12.46 13.14 11.11
C VAL A 189 11.79 14.07 12.12
N TYR A 190 10.99 13.52 13.02
CA TYR A 190 10.29 14.33 14.00
C TYR A 190 11.27 15.05 14.91
N VAL A 191 12.27 14.34 15.42
CA VAL A 191 13.21 14.98 16.34
C VAL A 191 14.01 16.05 15.61
N VAL A 192 14.43 15.78 14.37
CA VAL A 192 15.21 16.75 13.62
C VAL A 192 14.37 17.98 13.29
N ALA A 193 13.11 17.79 12.91
CA ALA A 193 12.25 18.91 12.58
C ALA A 193 11.99 19.77 13.81
N LYS A 194 11.75 19.13 14.96
CA LYS A 194 11.44 19.90 16.16
C LYS A 194 12.67 20.62 16.70
N ARG A 195 13.82 19.94 16.74
CA ARG A 195 15.02 20.57 17.26
C ARG A 195 15.50 21.70 16.37
N GLU A 196 15.45 21.51 15.05
CA GLU A 196 15.89 22.54 14.11
C GLU A 196 14.91 23.71 14.09
N LEU A 243 16.29 27.75 5.34
CA LEU A 243 14.98 28.00 5.94
C LEU A 243 13.88 28.01 4.89
N LEU A 244 14.15 28.64 3.74
CA LEU A 244 13.17 28.65 2.66
C LEU A 244 13.01 27.27 2.06
N LYS A 245 14.08 26.47 2.03
CA LYS A 245 14.01 25.09 1.58
C LYS A 245 13.73 24.12 2.72
N PHE A 246 14.19 24.43 3.93
CA PHE A 246 13.90 23.56 5.07
C PHE A 246 12.40 23.48 5.32
N SER A 247 11.69 24.60 5.18
CA SER A 247 10.25 24.59 5.38
C SER A 247 9.55 23.73 4.33
N ARG A 248 10.03 23.79 3.08
CA ARG A 248 9.45 22.95 2.03
C ARG A 248 9.65 21.47 2.35
N GLU A 249 10.86 21.10 2.81
CA GLU A 249 11.11 19.72 3.18
C GLU A 249 10.24 19.29 4.35
N LYS A 250 10.05 20.19 5.33
CA LYS A 250 9.19 19.87 6.46
C LYS A 250 7.75 19.66 6.03
N LYS A 251 7.25 20.49 5.12
CA LYS A 251 5.88 20.33 4.64
C LYS A 251 5.72 19.01 3.88
N ALA A 252 6.67 18.69 3.01
CA ALA A 252 6.60 17.41 2.31
C ALA A 252 6.67 16.25 3.29
N ALA A 253 7.51 16.37 4.32
CA ALA A 253 7.61 15.33 5.33
C ALA A 253 6.29 15.17 6.07
N LYS A 254 5.61 16.27 6.38
CA LYS A 254 4.32 16.18 7.06
C LYS A 254 3.30 15.49 6.17
N THR A 255 3.25 15.84 4.89
CA THR A 255 2.30 15.19 3.98
C THR A 255 2.57 13.69 3.91
N LEU A 256 3.82 13.30 3.67
CA LEU A 256 4.13 11.89 3.53
C LEU A 256 3.98 11.16 4.87
N GLY A 257 4.16 11.86 5.99
CA GLY A 257 3.92 11.25 7.28
C GLY A 257 2.44 10.98 7.50
N ILE A 258 1.58 11.89 7.06
CA ILE A 258 0.14 11.61 7.10
C ILE A 258 -0.18 10.39 6.25
N VAL A 259 0.40 10.32 5.06
CA VAL A 259 0.16 9.16 4.18
C VAL A 259 0.60 7.87 4.86
N VAL A 260 1.80 7.89 5.46
CA VAL A 260 2.34 6.70 6.12
C VAL A 260 1.46 6.31 7.30
N GLY A 261 1.03 7.29 8.09
CA GLY A 261 0.17 6.99 9.22
C GLY A 261 -1.13 6.36 8.77
N CYS A 262 -1.74 6.89 7.71
CA CYS A 262 -2.95 6.28 7.19
C CYS A 262 -2.72 4.85 6.75
N PHE A 263 -1.61 4.61 6.02
CA PHE A 263 -1.32 3.27 5.55
C PHE A 263 -1.14 2.30 6.72
N VAL A 264 -0.35 2.72 7.72
CA VAL A 264 -0.06 1.84 8.85
C VAL A 264 -1.34 1.56 9.63
N LEU A 265 -2.15 2.59 9.86
CA LEU A 265 -3.39 2.38 10.60
C LEU A 265 -4.31 1.42 9.84
N CYS A 266 -4.41 1.58 8.52
CA CYS A 266 -5.31 0.73 7.74
C CYS A 266 -4.84 -0.71 7.74
N TRP A 267 -3.52 -0.94 7.62
CA TRP A 267 -3.02 -2.30 7.45
C TRP A 267 -2.61 -2.97 8.76
N LEU A 268 -2.60 -2.26 9.88
CA LEU A 268 -2.22 -2.89 11.15
C LEU A 268 -3.19 -3.98 11.58
N PRO A 269 -4.51 -3.80 11.51
CA PRO A 269 -5.41 -4.85 12.00
C PRO A 269 -5.18 -6.20 11.34
N PHE A 270 -4.91 -6.22 10.04
CA PHE A 270 -4.72 -7.49 9.34
C PHE A 270 -3.46 -8.19 9.83
N PHE A 271 -2.34 -7.47 9.89
CA PHE A 271 -1.08 -8.06 10.33
C PHE A 271 -1.06 -8.30 11.84
N LEU A 272 -2.04 -7.79 12.57
CA LEU A 272 -2.17 -8.13 13.99
C LEU A 272 -3.11 -9.30 14.22
N VAL A 273 -4.07 -9.53 13.34
CA VAL A 273 -5.02 -10.61 13.52
C VAL A 273 -4.56 -11.91 12.85
N MET A 274 -3.76 -11.82 11.78
CA MET A 274 -3.32 -13.04 11.10
C MET A 274 -2.26 -13.76 11.93
N PRO A 275 -1.13 -13.15 12.30
CA PRO A 275 -0.17 -13.86 13.15
C PRO A 275 -0.78 -14.31 14.47
N ILE A 276 -1.62 -13.48 15.08
CA ILE A 276 -2.29 -13.89 16.32
C ILE A 276 -3.18 -15.10 16.06
N GLY A 277 -3.94 -15.07 14.96
CA GLY A 277 -4.80 -16.19 14.64
C GLY A 277 -4.01 -17.48 14.47
N SER A 278 -2.84 -17.40 13.85
CA SER A 278 -2.04 -18.60 13.60
C SER A 278 -1.34 -19.08 14.87
N PHE A 279 -0.91 -18.16 15.73
CA PHE A 279 -0.11 -18.50 16.91
C PHE A 279 -0.93 -18.75 18.16
N PHE A 280 -2.25 -18.68 18.08
CA PHE A 280 -3.13 -18.80 19.24
C PHE A 280 -4.28 -19.74 18.92
N PRO A 281 -4.92 -20.31 19.95
CA PRO A 281 -6.03 -21.24 19.68
C PRO A 281 -7.11 -20.63 18.83
N ASP A 282 -7.39 -19.34 19.00
CA ASP A 282 -8.34 -18.64 18.14
C ASP A 282 -7.74 -18.50 16.74
N PHE A 283 -8.42 -19.07 15.75
CA PHE A 283 -7.96 -19.08 14.36
C PHE A 283 -8.87 -18.14 13.57
N LYS A 284 -8.51 -16.85 13.55
CA LYS A 284 -9.27 -15.84 12.83
C LYS A 284 -10.76 -15.92 13.17
N PRO A 285 -11.14 -15.69 14.42
CA PRO A 285 -12.55 -15.76 14.78
C PRO A 285 -13.38 -14.76 14.00
N SER A 286 -14.62 -15.15 13.69
CA SER A 286 -15.55 -14.29 12.96
C SER A 286 -14.94 -13.86 11.62
N GLU A 287 -14.78 -14.86 10.75
CA GLU A 287 -14.18 -14.66 9.44
C GLU A 287 -14.76 -13.42 8.78
N THR A 288 -15.98 -13.03 9.16
CA THR A 288 -16.50 -11.74 8.73
C THR A 288 -15.54 -10.62 9.13
N VAL A 289 -15.06 -10.64 10.38
CA VAL A 289 -14.12 -9.62 10.84
C VAL A 289 -12.82 -9.70 10.05
N PHE A 290 -12.41 -10.92 9.67
CA PHE A 290 -11.22 -11.10 8.84
C PHE A 290 -11.41 -10.38 7.49
N LYS A 291 -12.59 -10.51 6.92
CA LYS A 291 -12.94 -9.77 5.71
C LYS A 291 -12.92 -8.26 5.96
N ILE A 292 -13.44 -7.82 7.11
CA ILE A 292 -13.47 -6.39 7.41
C ILE A 292 -12.05 -5.84 7.50
N VAL A 293 -11.13 -6.61 8.09
CA VAL A 293 -9.77 -6.10 8.23
C VAL A 293 -9.08 -6.04 6.87
N PHE A 294 -9.30 -7.02 6.00
CA PHE A 294 -8.80 -6.87 4.63
C PHE A 294 -9.37 -5.64 3.96
N TRP A 295 -10.67 -5.40 4.09
CA TRP A 295 -11.26 -4.26 3.40
C TRP A 295 -10.76 -2.94 3.97
N LEU A 296 -10.57 -2.88 5.29
CA LEU A 296 -9.98 -1.69 5.90
C LEU A 296 -8.57 -1.46 5.36
N GLY A 297 -7.79 -2.54 5.20
CA GLY A 297 -6.47 -2.39 4.62
C GLY A 297 -6.53 -1.87 3.19
N TYR A 298 -7.45 -2.42 2.39
CA TYR A 298 -7.59 -1.96 1.02
C TYR A 298 -8.03 -0.50 0.96
N LEU A 299 -8.78 -0.05 1.97
CA LEU A 299 -9.31 1.31 1.95
C LEU A 299 -8.20 2.35 1.84
N ASN A 300 -6.99 2.02 2.29
CA ASN A 300 -5.89 2.99 2.21
C ASN A 300 -5.57 3.33 0.76
N SER A 301 -5.77 2.39 -0.16
CA SER A 301 -5.47 2.65 -1.56
C SER A 301 -6.32 3.81 -2.09
N CYS A 302 -7.54 3.95 -1.60
CA CYS A 302 -8.39 5.08 -1.98
C CYS A 302 -8.19 6.29 -1.06
N ILE A 303 -7.79 6.05 0.19
CA ILE A 303 -7.58 7.16 1.12
C ILE A 303 -6.36 7.99 0.70
N ASN A 304 -5.33 7.33 0.18
CA ASN A 304 -4.07 8.03 -0.09
C ASN A 304 -4.24 9.22 -1.02
N PRO A 305 -4.92 9.11 -2.17
CA PRO A 305 -5.02 10.29 -3.05
C PRO A 305 -5.70 11.47 -2.41
N ILE A 306 -6.55 11.25 -1.41
CA ILE A 306 -7.19 12.37 -0.70
C ILE A 306 -6.14 13.15 0.09
N ILE A 307 -5.09 12.47 0.55
CA ILE A 307 -4.15 13.09 1.48
C ILE A 307 -3.33 14.17 0.78
N TYR A 308 -2.95 13.93 -0.47
CA TYR A 308 -2.06 14.86 -1.16
C TYR A 308 -2.68 16.24 -1.32
N PRO A 309 -3.93 16.39 -1.79
CA PRO A 309 -4.50 17.74 -1.84
C PRO A 309 -4.84 18.31 -0.48
N CYS A 310 -5.38 17.48 0.41
CA CYS A 310 -5.81 17.95 1.72
C CYS A 310 -4.65 18.31 2.65
N SER A 311 -3.42 17.98 2.27
CA SER A 311 -2.25 18.24 3.12
C SER A 311 -1.11 18.89 2.37
N SER A 312 -1.30 19.30 1.12
CA SER A 312 -0.26 19.96 0.35
C SER A 312 -0.92 20.91 -0.62
N GLN A 313 -0.82 22.22 -0.36
CA GLN A 313 -1.48 23.20 -1.21
C GLN A 313 -1.00 23.11 -2.64
N GLU A 314 0.27 22.77 -2.84
CA GLU A 314 0.78 22.58 -4.20
C GLU A 314 0.03 21.46 -4.91
N PHE A 315 -0.17 20.33 -4.23
CA PHE A 315 -0.92 19.24 -4.81
C PHE A 315 -2.38 19.61 -5.03
N LYS A 316 -2.96 20.40 -4.12
CA LYS A 316 -4.32 20.86 -4.32
C LYS A 316 -4.44 21.71 -5.58
N LYS A 317 -3.50 22.64 -5.78
CA LYS A 317 -3.51 23.45 -6.99
C LYS A 317 -3.32 22.59 -8.24
N ALA A 318 -2.41 21.62 -8.17
CA ALA A 318 -2.19 20.75 -9.32
C ALA A 318 -3.44 19.95 -9.66
N PHE A 319 -4.11 19.40 -8.64
CA PHE A 319 -5.34 18.66 -8.87
C PHE A 319 -6.42 19.57 -9.45
N GLN A 320 -6.54 20.78 -8.94
CA GLN A 320 -7.56 21.70 -9.45
C GLN A 320 -7.30 22.05 -10.91
N ASN A 321 -6.04 22.30 -11.27
CA ASN A 321 -5.73 22.73 -12.63
C ASN A 321 -5.56 21.56 -13.60
N VAL A 322 -5.52 20.32 -13.13
CA VAL A 322 -5.50 19.19 -14.05
C VAL A 322 -6.91 18.67 -14.32
N LEU A 323 -7.85 18.92 -13.42
CA LEU A 323 -9.23 18.49 -13.60
C LEU A 323 -9.93 19.36 -14.64
N12 A1EM4 B . -3.59 -11.79 0.69
C15 A1EM4 B . -6.99 -14.84 -1.08
C17 A1EM4 B . -7.53 -12.60 -1.01
C21 A1EM4 B . -9.38 -13.08 1.51
C22 A1EM4 B . -9.10 -13.26 2.99
C24 A1EM4 B . -10.84 -14.84 3.04
C26 A1EM4 B . -12.84 -16.19 3.36
C28 A1EM4 B . -12.73 -14.58 1.55
C01 A1EM4 B . 0.74 -11.26 5.12
C03 A1EM4 B . -0.19 -11.18 2.99
C04 A1EM4 B . -0.97 -10.09 2.61
C05 A1EM4 B . -2.11 -10.29 1.84
C06 A1EM4 B . -2.48 -11.61 1.44
C07 A1EM4 B . -1.72 -12.67 1.82
C08 A1EM4 B . -0.56 -12.47 2.61
C09 A1EM4 B . -2.14 -13.95 1.40
C11 A1EM4 B . -3.95 -13.03 0.30
C14 A1EM4 B . -5.52 -14.43 -1.24
C18 A1EM4 B . -6.15 -12.07 -0.65
C19 A1EM4 B . -8.57 -14.17 0.75
C25 A1EM4 B . -11.55 -15.84 3.76
C27 A1EM4 B . -13.44 -15.56 2.26
C29 A1EM4 B . -11.42 -14.21 1.95
C33 A1EM4 B . 0.49 -8.30 2.31
N10 A1EM4 B . -3.23 -14.10 0.66
N13 A1EM4 B . -5.16 -13.18 -0.50
N16 A1EM4 B . -7.73 -13.86 -0.41
N31 A1EM4 B . -1.35 -15.12 1.77
O02 A1EM4 B . 0.95 -10.99 3.77
O20 A1EM4 B . -8.63 -15.28 1.13
O23 A1EM4 B . -9.51 -14.49 3.47
O30 A1EM4 B . -10.74 -13.20 1.20
O32 A1EM4 B . -0.61 -8.80 3.00
H152 A1EM4 B . -7.03 -15.77 -0.53
H151 A1EM4 B . -7.41 -14.99 -2.07
H171 A1EM4 B . -7.57 -12.72 -2.08
H172 A1EM4 B . -8.29 -11.90 -0.69
H211 A1EM4 B . -9.04 -12.09 1.23
H221 A1EM4 B . -9.63 -12.49 3.54
H222 A1EM4 B . -8.03 -13.20 3.13
H261 A1EM4 B . -13.38 -16.95 3.91
H281 A1EM4 B . -13.19 -14.09 0.71
H011 A1EM4 B . 1.64 -11.03 5.68
H013 A1EM4 B . 0.50 -12.32 5.25
H012 A1EM4 B . -0.08 -10.66 5.49
H051 A1EM4 B . -2.72 -9.44 1.54
H081 A1EM4 B . 0.05 -13.31 2.90
H141 A1EM4 B . -4.90 -15.24 -0.89
H142 A1EM4 B . -5.33 -14.26 -2.29
H182 A1EM4 B . -6.22 -11.51 0.27
H181 A1EM4 B . -5.82 -11.41 -1.46
H251 A1EM4 B . -11.09 -16.33 4.61
H271 A1EM4 B . -14.44 -15.84 1.95
H333 A1EM4 B . 0.76 -7.33 2.71
H331 A1EM4 B . 0.24 -8.21 1.25
H332 A1EM4 B . 1.33 -8.97 2.41
H311 A1EM4 B . -1.22 -15.34 2.74
H312 A1EM4 B . -0.94 -15.69 1.07
#